data_7AEY
#
_entry.id   7AEY
#
_cell.length_a   47.089
_cell.length_b   81.375
_cell.length_c   90.857
_cell.angle_alpha   90.000
_cell.angle_beta   90.000
_cell.angle_gamma   90.000
#
_symmetry.space_group_name_H-M   'P 21 21 21'
#
loop_
_entity.id
_entity.type
_entity.pdbx_description
1 polymer Sialidase
2 non-polymer GLYCEROL
3 non-polymer '(3~{S},4~{S},5~{R})-4-acetamido-3-oxidanyl-5-[(1~{S},2~{R})-1,2,3-tris(oxidanyl)propyl]cyclohexane-1-carboxylic acid'
4 non-polymer 'PHOSPHATE ION'
5 water water
#
_entity_poly.entity_id   1
_entity_poly.type   'polypeptide(L)'
_entity_poly.pdbx_seq_one_letter_code
;EKSVVFKAEGEHFTDQKGNTIVGSGSGGTTKYFRIPAMCTTSKGTIVVFADARHNTASDQSFIDTAAARSTDGGKTWNKK
IAIYNDRVNSKLSRVMDPTCIVANIQGRETILVMVGKWNNNDKTWGAYRDKAPDTDWDLVLYKSTDDGVTFSKVETNIHD
IVTKNGTISAMLGGVGSGLQLNDGKLVFPVQMVRTKNITTVLNTSFIYSTDGITWSLPSGYCEGFGSENNIIEFNASLVN
NIRNSGLRRSFETKDFGKTWTEFPPMDKKVDNRNHGVQGSTITIPSGNKLVAAHSSAQNKNNDYTRSDISLYAHNLYSGE
VKLIDDFYPKVGNASGAGYSCLSYRKNVDKETLYVVYEANGSIEFQDLSRHLPVIKSYN
;
_entity_poly.pdbx_strand_id   AAA
#
# COMPACT_ATOMS: atom_id res chain seq x y z
N GLU A 1 -20.68 3.05 12.03
CA GLU A 1 -19.41 3.08 12.79
C GLU A 1 -18.24 2.90 11.82
N LYS A 2 -18.65 2.76 10.56
N LYS A 2 -18.55 2.27 10.68
CA LYS A 2 -17.81 2.54 9.43
CA LYS A 2 -17.76 2.21 9.41
C LYS A 2 -18.39 3.42 8.30
C LYS A 2 -18.42 3.12 8.31
N SER A 3 -17.80 3.24 7.14
CA SER A 3 -18.45 3.55 5.89
C SER A 3 -17.94 2.60 4.82
N VAL A 4 -18.75 2.39 3.80
CA VAL A 4 -18.34 1.64 2.62
C VAL A 4 -17.75 2.61 1.61
N VAL A 5 -16.49 2.41 1.25
CA VAL A 5 -15.79 3.24 0.27
C VAL A 5 -16.18 2.78 -1.13
N PHE A 6 -15.94 1.50 -1.41
CA PHE A 6 -16.26 0.87 -2.70
C PHE A 6 -17.07 -0.37 -2.41
N LYS A 7 -18.25 -0.46 -3.00
CA LYS A 7 -19.15 -1.61 -2.78
C LYS A 7 -18.98 -2.64 -3.87
N ALA A 8 -18.59 -3.86 -3.52
CA ALA A 8 -18.53 -4.97 -4.46
C ALA A 8 -19.88 -5.08 -5.17
N GLU A 9 -19.86 -5.19 -6.49
CA GLU A 9 -21.09 -5.37 -7.29
C GLU A 9 -22.07 -4.21 -7.08
N GLY A 10 -21.52 -3.02 -6.77
CA GLY A 10 -22.35 -1.86 -6.48
C GLY A 10 -21.81 -0.57 -6.99
N GLU A 11 -20.83 -0.58 -7.89
CA GLU A 11 -20.23 0.61 -8.47
C GLU A 11 -20.22 0.47 -9.98
N HIS A 12 -20.38 1.61 -10.65
CA HIS A 12 -20.24 1.73 -12.10
C HIS A 12 -19.27 2.84 -12.40
N PHE A 13 -18.23 2.54 -13.11
CA PHE A 13 -17.24 3.52 -13.54
C PHE A 13 -17.37 3.77 -15.05
N THR A 14 -16.80 4.87 -15.49
CA THR A 14 -16.73 5.19 -16.91
C THR A 14 -15.28 5.23 -17.37
N ASP A 15 -15.10 4.97 -18.64
CA ASP A 15 -13.78 4.95 -19.28
C ASP A 15 -13.40 6.32 -19.77
N GLN A 16 -12.28 6.41 -20.47
CA GLN A 16 -11.74 7.72 -20.87
C GLN A 16 -12.64 8.45 -21.85
N LYS A 17 -13.46 7.74 -22.57
CA LYS A 17 -14.42 8.36 -23.50
C LYS A 17 -15.73 8.70 -22.81
N GLY A 18 -15.90 8.25 -21.61
CA GLY A 18 -17.16 8.45 -20.93
C GLY A 18 -18.13 7.32 -21.11
N ASN A 19 -17.73 6.19 -21.66
CA ASN A 19 -18.59 5.03 -21.79
C ASN A 19 -18.51 4.17 -20.54
N THR A 20 -19.59 3.52 -20.20
CA THR A 20 -19.60 2.74 -18.95
C THR A 20 -18.65 1.54 -19.10
N ILE A 21 -18.12 1.12 -17.98
CA ILE A 21 -17.29 -0.09 -17.85
C ILE A 21 -18.22 -1.18 -17.32
N VAL A 22 -18.58 -2.11 -18.21
CA VAL A 22 -19.50 -3.20 -17.84
C VAL A 22 -18.66 -4.31 -17.24
N GLY A 23 -18.70 -4.39 -15.93
CA GLY A 23 -18.04 -5.47 -15.20
C GLY A 23 -18.93 -6.66 -15.06
N SER A 24 -18.48 -7.62 -14.22
N SER A 24 -18.34 -7.67 -14.39
CA SER A 24 -19.18 -8.92 -14.03
CA SER A 24 -19.02 -8.96 -14.18
C SER A 24 -19.97 -8.97 -12.75
C SER A 24 -19.92 -8.96 -12.93
N GLY A 25 -19.97 -7.89 -12.03
CA GLY A 25 -20.91 -7.82 -10.94
C GLY A 25 -22.33 -7.68 -11.43
N SER A 26 -23.27 -8.19 -10.64
N SER A 26 -23.25 -7.76 -10.47
N SER A 26 -23.31 -8.00 -10.57
CA SER A 26 -24.70 -8.07 -10.98
CA SER A 26 -24.67 -7.68 -10.84
CA SER A 26 -24.75 -7.90 -10.91
C SER A 26 -24.97 -6.66 -11.55
C SER A 26 -24.94 -6.36 -11.54
C SER A 26 -25.04 -6.51 -11.45
N GLY A 27 -25.72 -6.50 -12.63
CA GLY A 27 -26.07 -5.25 -13.31
C GLY A 27 -24.92 -4.60 -14.06
N GLY A 28 -23.85 -5.35 -14.31
CA GLY A 28 -22.70 -4.78 -15.00
C GLY A 28 -21.79 -3.93 -14.13
N THR A 29 -21.91 -4.07 -12.82
CA THR A 29 -21.04 -3.40 -11.88
C THR A 29 -19.64 -3.99 -11.87
N THR A 30 -18.71 -3.24 -11.27
CA THR A 30 -17.40 -3.79 -10.96
C THR A 30 -17.56 -4.95 -9.97
N LYS A 31 -16.95 -6.07 -10.29
CA LYS A 31 -17.13 -7.28 -9.49
C LYS A 31 -16.54 -7.20 -8.09
N TYR A 32 -15.31 -6.69 -7.98
CA TYR A 32 -14.55 -6.91 -6.74
C TYR A 32 -13.53 -5.78 -6.61
N PHE A 33 -13.26 -5.39 -5.37
CA PHE A 33 -12.22 -4.41 -5.08
C PHE A 33 -11.18 -5.05 -4.20
N ARG A 34 -9.91 -4.66 -4.41
CA ARG A 34 -8.83 -5.16 -3.59
C ARG A 34 -7.77 -4.07 -3.41
N ILE A 35 -6.93 -4.29 -2.40
CA ILE A 35 -5.64 -3.61 -2.25
C ILE A 35 -5.79 -2.11 -2.02
N PRO A 36 -6.40 -1.73 -0.87
CA PRO A 36 -6.63 -0.30 -0.62
C PRO A 36 -5.38 0.43 -0.19
N ALA A 37 -5.34 1.71 -0.56
CA ALA A 37 -4.24 2.60 -0.20
C ALA A 37 -4.86 3.94 0.10
N MET A 38 -4.56 4.54 1.27
N MET A 38 -4.64 4.51 1.28
CA MET A 38 -5.20 5.79 1.70
CA MET A 38 -5.35 5.76 1.61
C MET A 38 -4.16 6.84 2.04
C MET A 38 -4.36 6.77 2.15
N CYS A 39 -4.46 8.06 1.59
N CYS A 39 -4.59 8.05 1.84
CA CYS A 39 -3.64 9.23 1.86
CA CYS A 39 -3.94 9.12 2.58
C CYS A 39 -4.60 10.38 2.21
C CYS A 39 -4.96 10.14 2.92
N THR A 40 -4.36 11.07 3.42
CA THR A 40 -5.16 12.18 3.92
C THR A 40 -4.36 13.46 3.78
N THR A 41 -5.00 14.53 3.29
CA THR A 41 -4.26 15.76 3.05
C THR A 41 -4.38 16.75 4.22
N SER A 42 -3.61 17.83 4.11
CA SER A 42 -3.64 18.92 5.08
C SER A 42 -4.99 19.60 5.16
N LYS A 43 -5.86 19.39 4.20
N LYS A 43 -5.87 19.43 4.18
CA LYS A 43 -7.20 19.96 4.19
CA LYS A 43 -7.27 19.95 4.17
C LYS A 43 -8.18 19.00 4.86
C LYS A 43 -8.18 19.01 4.98
N GLY A 44 -7.72 17.82 5.29
CA GLY A 44 -8.56 16.80 5.88
C GLY A 44 -9.18 15.86 4.85
N THR A 45 -8.90 16.06 3.60
CA THR A 45 -9.48 15.26 2.52
C THR A 45 -8.87 13.87 2.56
N ILE A 46 -9.72 12.87 2.41
CA ILE A 46 -9.30 11.46 2.42
C ILE A 46 -9.40 10.94 0.99
N VAL A 47 -8.29 10.39 0.46
CA VAL A 47 -8.31 9.75 -0.86
C VAL A 47 -7.93 8.29 -0.65
N VAL A 48 -8.78 7.41 -1.15
CA VAL A 48 -8.61 5.96 -1.06
C VAL A 48 -8.52 5.42 -2.48
N PHE A 49 -7.38 4.79 -2.79
CA PHE A 49 -7.21 4.08 -4.04
C PHE A 49 -7.49 2.60 -3.80
N ALA A 50 -7.95 1.91 -4.84
CA ALA A 50 -8.09 0.46 -4.76
C ALA A 50 -8.12 -0.07 -6.18
N ASP A 51 -7.72 -1.32 -6.33
CA ASP A 51 -7.99 -2.05 -7.57
C ASP A 51 -9.49 -2.21 -7.75
N ALA A 52 -9.99 -1.74 -8.89
CA ALA A 52 -11.34 -2.04 -9.39
C ALA A 52 -11.17 -3.23 -10.33
N ARG A 53 -11.37 -4.42 -9.73
CA ARG A 53 -11.20 -5.68 -10.45
C ARG A 53 -12.56 -6.00 -11.08
N HIS A 54 -12.73 -5.46 -12.30
CA HIS A 54 -14.07 -5.36 -12.87
C HIS A 54 -14.73 -6.72 -13.08
N ASN A 55 -13.94 -7.75 -13.36
CA ASN A 55 -14.49 -9.04 -13.74
C ASN A 55 -14.35 -10.14 -12.70
N THR A 56 -13.31 -10.14 -11.92
CA THR A 56 -13.03 -11.25 -10.97
C THR A 56 -12.03 -10.72 -9.95
N ALA A 57 -12.01 -11.38 -8.80
CA ALA A 57 -11.01 -11.09 -7.78
C ALA A 57 -9.59 -11.46 -8.18
N SER A 58 -9.39 -12.22 -9.26
N SER A 58 -9.39 -12.34 -9.15
CA SER A 58 -8.03 -12.68 -9.60
CA SER A 58 -8.05 -12.87 -9.49
C SER A 58 -7.07 -11.54 -9.79
C SER A 58 -7.09 -11.73 -9.83
N ASP A 59 -5.82 -11.81 -9.39
CA ASP A 59 -4.73 -10.88 -9.73
C ASP A 59 -4.54 -10.74 -11.22
N GLN A 60 -4.76 -11.84 -11.96
N GLN A 60 -4.57 -11.84 -11.96
CA GLN A 60 -4.58 -11.89 -13.42
CA GLN A 60 -4.36 -11.68 -13.42
C GLN A 60 -5.95 -11.64 -14.04
C GLN A 60 -5.73 -11.57 -14.09
N SER A 61 -6.31 -10.37 -14.08
CA SER A 61 -7.63 -10.01 -14.60
C SER A 61 -7.60 -8.56 -15.02
N PHE A 62 -8.77 -8.05 -15.44
CA PHE A 62 -8.89 -6.70 -16.02
C PHE A 62 -9.18 -5.70 -14.90
N ILE A 63 -8.23 -4.79 -14.68
CA ILE A 63 -8.20 -3.99 -13.44
C ILE A 63 -7.85 -2.54 -13.78
N ASP A 64 -8.58 -1.59 -13.20
CA ASP A 64 -8.23 -0.17 -13.19
C ASP A 64 -7.99 0.27 -11.75
N THR A 65 -7.29 1.39 -11.55
CA THR A 65 -7.11 1.93 -10.21
C THR A 65 -8.20 2.96 -9.95
N ALA A 66 -9.12 2.63 -9.05
CA ALA A 66 -10.16 3.55 -8.64
C ALA A 66 -9.65 4.47 -7.53
N ALA A 67 -10.28 5.66 -7.44
CA ALA A 67 -10.00 6.60 -6.36
C ALA A 67 -11.33 7.09 -5.80
N ALA A 68 -11.45 7.06 -4.49
CA ALA A 68 -12.59 7.60 -3.75
C ALA A 68 -12.10 8.77 -2.92
N ARG A 69 -12.86 9.83 -2.91
CA ARG A 69 -12.46 11.07 -2.22
C ARG A 69 -13.59 11.49 -1.28
N SER A 70 -13.22 11.70 -0.01
CA SER A 70 -14.18 12.17 0.99
C SER A 70 -13.66 13.47 1.61
N THR A 71 -14.54 14.47 1.63
CA THR A 71 -14.26 15.75 2.30
C THR A 71 -15.10 15.94 3.55
N ASP A 72 -15.85 14.91 3.96
CA ASP A 72 -16.73 14.96 5.14
C ASP A 72 -16.32 13.92 6.19
N GLY A 73 -15.04 13.62 6.27
CA GLY A 73 -14.54 12.76 7.33
C GLY A 73 -14.82 11.30 7.10
N GLY A 74 -15.07 10.90 5.87
CA GLY A 74 -15.29 9.51 5.54
C GLY A 74 -16.73 9.08 5.55
N LYS A 75 -17.66 10.03 5.62
CA LYS A 75 -19.09 9.70 5.57
C LYS A 75 -19.54 9.37 4.17
N THR A 76 -19.13 10.14 3.18
CA THR A 76 -19.51 9.95 1.78
C THR A 76 -18.28 10.08 0.90
N TRP A 77 -18.39 9.46 -0.27
CA TRP A 77 -17.26 9.31 -1.18
C TRP A 77 -17.66 9.64 -2.62
N ASN A 78 -16.86 10.43 -3.30
CA ASN A 78 -16.94 10.66 -4.73
C ASN A 78 -15.93 9.73 -5.41
N LYS A 79 -16.37 8.86 -6.33
N LYS A 79 -16.37 8.99 -6.39
CA LYS A 79 -15.59 7.70 -6.86
CA LYS A 79 -15.55 7.91 -6.96
C LYS A 79 -15.38 7.76 -8.38
C LYS A 79 -15.32 8.16 -8.44
N LYS A 80 -14.12 7.69 -8.86
N LYS A 80 -14.07 7.97 -8.88
CA LYS A 80 -13.76 7.76 -10.26
CA LYS A 80 -13.59 8.06 -10.29
C LYS A 80 -12.61 6.77 -10.49
C LYS A 80 -12.49 7.01 -10.49
N ILE A 81 -12.20 6.63 -11.73
CA ILE A 81 -10.95 5.93 -12.03
C ILE A 81 -9.81 6.95 -12.08
N ALA A 82 -8.77 6.70 -11.29
CA ALA A 82 -7.54 7.51 -11.32
C ALA A 82 -6.54 7.07 -12.38
N ILE A 83 -6.42 5.75 -12.60
CA ILE A 83 -5.45 5.19 -13.55
C ILE A 83 -6.16 4.11 -14.35
N TYR A 84 -6.17 4.24 -15.66
CA TYR A 84 -6.73 3.24 -16.54
C TYR A 84 -5.66 2.28 -17.02
N ASN A 85 -5.99 1.00 -17.08
CA ASN A 85 -5.11 0.06 -17.76
C ASN A 85 -5.08 0.37 -19.26
N ASP A 86 -4.08 -0.22 -19.94
CA ASP A 86 -3.84 0.11 -21.35
C ASP A 86 -4.86 -0.44 -22.33
N ARG A 87 -5.74 -1.35 -21.90
CA ARG A 87 -6.80 -1.82 -22.78
C ARG A 87 -6.22 -2.51 -24.00
N VAL A 88 -5.18 -3.30 -23.77
CA VAL A 88 -4.63 -4.23 -24.78
C VAL A 88 -5.41 -5.55 -24.83
N ASN A 89 -5.66 -6.12 -23.63
CA ASN A 89 -6.14 -7.51 -23.39
C ASN A 89 -7.39 -7.37 -22.54
N SER A 90 -8.61 -7.64 -23.05
N SER A 90 -8.60 -7.72 -22.99
CA SER A 90 -9.84 -7.39 -22.25
CA SER A 90 -9.88 -7.49 -22.25
C SER A 90 -9.92 -8.33 -21.05
C SER A 90 -10.00 -8.40 -21.04
N LYS A 91 -9.14 -9.42 -21.03
CA LYS A 91 -9.08 -10.30 -19.90
C LYS A 91 -8.03 -9.93 -18.88
N LEU A 92 -6.88 -9.43 -19.35
CA LEU A 92 -5.67 -9.40 -18.53
C LEU A 92 -5.07 -8.01 -18.33
N SER A 93 -5.44 -6.99 -19.12
CA SER A 93 -4.81 -5.69 -18.92
C SER A 93 -5.13 -5.16 -17.54
N ARG A 94 -4.11 -4.62 -16.87
CA ARG A 94 -4.27 -4.27 -15.48
C ARG A 94 -3.27 -3.23 -15.03
N VAL A 95 -3.75 -2.35 -14.13
CA VAL A 95 -2.92 -1.56 -13.24
C VAL A 95 -3.34 -1.98 -11.86
N MET A 96 -2.37 -2.25 -10.95
CA MET A 96 -2.71 -2.91 -9.71
C MET A 96 -1.73 -2.60 -8.58
N ASP A 97 -2.28 -2.83 -7.39
CA ASP A 97 -1.52 -2.88 -6.14
C ASP A 97 -0.97 -1.49 -5.76
N PRO A 98 -1.84 -0.52 -5.50
CA PRO A 98 -1.37 0.84 -5.23
C PRO A 98 -0.59 1.00 -3.95
N THR A 99 0.34 1.97 -4.03
CA THR A 99 1.02 2.55 -2.90
C THR A 99 0.91 4.09 -3.08
N CYS A 100 0.51 4.79 -2.04
N CYS A 100 0.12 4.91 -2.18
CA CYS A 100 0.37 6.25 -2.15
CA CYS A 100 -0.19 6.48 -1.95
C CYS A 100 1.27 6.97 -1.16
C CYS A 100 0.99 7.06 -1.13
N ILE A 101 1.56 8.23 -1.48
CA ILE A 101 2.25 9.15 -0.57
C ILE A 101 1.50 10.48 -0.60
N VAL A 102 1.31 11.10 0.56
CA VAL A 102 0.97 12.51 0.61
C VAL A 102 2.19 13.25 1.10
N ALA A 103 2.57 14.32 0.41
CA ALA A 103 3.83 15.01 0.67
C ALA A 103 3.72 16.45 0.24
N ASN A 104 4.59 17.29 0.84
CA ASN A 104 4.81 18.64 0.30
C ASN A 104 6.10 18.60 -0.51
N ILE A 105 5.96 18.62 -1.82
CA ILE A 105 7.09 18.45 -2.74
C ILE A 105 7.53 19.83 -3.14
N GLN A 106 8.71 20.29 -2.74
N GLN A 106 8.57 20.29 -2.47
CA GLN A 106 9.08 21.71 -2.94
CA GLN A 106 9.10 21.65 -2.66
C GLN A 106 7.93 22.65 -2.53
C GLN A 106 7.92 22.62 -2.54
N GLY A 107 7.22 22.43 -1.42
CA GLY A 107 6.14 23.30 -1.01
C GLY A 107 4.77 22.91 -1.50
N ARG A 108 4.71 22.03 -2.48
N ARG A 108 4.64 22.16 -2.61
CA ARG A 108 3.46 21.77 -3.20
CA ARG A 108 3.34 21.84 -3.27
C ARG A 108 2.82 20.51 -2.66
C ARG A 108 2.78 20.53 -2.70
N GLU A 109 1.67 20.61 -2.00
CA GLU A 109 1.04 19.42 -1.44
C GLU A 109 0.55 18.54 -2.59
N THR A 110 1.01 17.30 -2.58
CA THR A 110 0.84 16.36 -3.69
C THR A 110 0.44 15.02 -3.13
N ILE A 111 -0.49 14.35 -3.81
CA ILE A 111 -0.75 12.93 -3.58
C ILE A 111 -0.11 12.19 -4.73
N LEU A 112 0.78 11.28 -4.44
CA LEU A 112 1.39 10.38 -5.43
C LEU A 112 0.77 9.00 -5.27
N VAL A 113 0.55 8.32 -6.40
CA VAL A 113 0.09 6.92 -6.37
C VAL A 113 0.86 6.16 -7.43
N MET A 114 1.40 5.00 -7.02
CA MET A 114 2.25 4.18 -7.87
C MET A 114 1.64 2.79 -7.97
N VAL A 115 1.50 2.28 -9.19
CA VAL A 115 0.89 0.97 -9.45
C VAL A 115 1.73 0.22 -10.47
N GLY A 116 1.69 -1.12 -10.36
CA GLY A 116 2.25 -1.97 -11.39
C GLY A 116 1.31 -2.11 -12.57
N LYS A 117 1.87 -2.35 -13.74
CA LYS A 117 1.06 -2.40 -14.96
C LYS A 117 1.53 -3.59 -15.79
N TRP A 118 0.55 -4.41 -16.22
CA TRP A 118 0.79 -5.56 -17.07
C TRP A 118 -0.31 -5.60 -18.12
N ASN A 119 -0.09 -6.38 -19.18
CA ASN A 119 -1.07 -6.50 -20.27
C ASN A 119 -1.35 -7.94 -20.66
N ASN A 120 -0.32 -8.64 -21.13
CA ASN A 120 -0.54 -9.99 -21.65
C ASN A 120 -0.08 -11.11 -20.71
N ASN A 121 0.60 -10.79 -19.61
CA ASN A 121 1.01 -11.88 -18.71
C ASN A 121 -0.20 -12.53 -18.08
N ASP A 122 -0.28 -13.85 -18.21
CA ASP A 122 -1.37 -14.65 -17.64
C ASP A 122 -1.00 -15.32 -16.34
N LYS A 123 0.22 -15.15 -15.87
N LYS A 123 0.27 -15.25 -15.92
CA LYS A 123 0.68 -15.73 -14.60
CA LYS A 123 0.78 -15.81 -14.65
C LYS A 123 1.09 -14.63 -13.63
C LYS A 123 1.06 -14.67 -13.67
N THR A 124 1.23 -15.05 -12.39
CA THR A 124 1.67 -14.15 -11.34
C THR A 124 3.04 -13.54 -11.66
N TRP A 125 3.25 -12.32 -11.20
CA TRP A 125 4.43 -11.58 -11.67
C TRP A 125 5.74 -12.25 -11.28
N GLY A 126 5.79 -12.98 -10.17
CA GLY A 126 7.01 -13.66 -9.79
C GLY A 126 7.42 -14.78 -10.72
N ALA A 127 6.57 -15.18 -11.65
CA ALA A 127 6.91 -16.23 -12.63
C ALA A 127 7.83 -15.70 -13.71
N TYR A 128 7.96 -14.42 -13.92
CA TYR A 128 8.63 -13.84 -15.09
C TYR A 128 10.00 -13.33 -14.71
N ARG A 129 11.01 -14.21 -14.78
CA ARG A 129 12.36 -13.90 -14.33
C ARG A 129 13.40 -13.97 -15.45
N ASP A 130 12.98 -14.11 -16.70
CA ASP A 130 13.97 -14.29 -17.78
C ASP A 130 14.58 -13.02 -18.31
N LYS A 131 13.95 -11.88 -18.04
N LYS A 131 13.93 -11.87 -18.12
CA LYS A 131 14.36 -10.60 -18.63
CA LYS A 131 14.40 -10.61 -18.74
C LYS A 131 14.67 -9.56 -17.57
C LYS A 131 14.51 -9.49 -17.70
N ALA A 132 15.39 -8.54 -17.97
CA ALA A 132 15.85 -7.45 -17.11
C ALA A 132 15.51 -6.12 -17.71
N PRO A 133 14.28 -5.63 -17.62
CA PRO A 133 13.13 -6.23 -16.93
C PRO A 133 12.17 -6.90 -17.91
N ASP A 134 11.15 -7.53 -17.33
CA ASP A 134 10.06 -8.13 -18.12
C ASP A 134 9.48 -7.07 -19.06
N THR A 135 9.34 -7.42 -20.33
CA THR A 135 8.76 -6.54 -21.33
C THR A 135 7.28 -6.25 -21.10
N ASP A 136 6.55 -7.12 -20.41
CA ASP A 136 5.13 -6.85 -20.17
C ASP A 136 4.90 -5.86 -19.04
N TRP A 137 5.90 -5.66 -18.20
CA TRP A 137 5.78 -4.92 -16.94
C TRP A 137 6.08 -3.44 -17.13
N ASP A 138 5.43 -2.65 -16.28
N ASP A 138 5.38 -2.62 -16.34
CA ASP A 138 5.89 -1.30 -16.01
CA ASP A 138 5.75 -1.21 -16.10
C ASP A 138 5.42 -0.91 -14.61
C ASP A 138 5.41 -0.90 -14.64
N LEU A 139 5.91 0.23 -14.15
CA LEU A 139 5.61 0.75 -12.83
C LEU A 139 5.35 2.25 -13.01
N VAL A 140 4.08 2.64 -12.92
CA VAL A 140 3.65 3.99 -13.29
C VAL A 140 3.27 4.77 -12.05
N LEU A 141 3.42 6.09 -12.18
CA LEU A 141 3.25 7.04 -11.08
C LEU A 141 2.35 8.16 -11.56
N TYR A 142 1.32 8.45 -10.76
CA TYR A 142 0.39 9.55 -11.04
C TYR A 142 0.39 10.48 -9.83
N LYS A 143 0.13 11.76 -10.07
N LYS A 143 -0.06 11.70 -10.07
CA LYS A 143 0.10 12.81 -9.02
CA LYS A 143 -0.07 12.67 -8.97
C LYS A 143 -1.21 13.59 -9.08
C LYS A 143 -1.32 13.53 -9.06
N SER A 144 -1.62 14.12 -7.93
CA SER A 144 -2.65 15.15 -7.83
C SER A 144 -2.08 16.31 -7.01
N THR A 145 -2.24 17.53 -7.51
CA THR A 145 -1.89 18.75 -6.79
C THR A 145 -3.12 19.61 -6.49
N ASP A 146 -4.31 19.08 -6.76
CA ASP A 146 -5.57 19.78 -6.51
C ASP A 146 -6.38 19.04 -5.46
N ASP A 147 -5.67 18.53 -4.45
CA ASP A 147 -6.35 17.94 -3.28
C ASP A 147 -7.09 16.66 -3.66
N GLY A 148 -6.60 15.93 -4.63
CA GLY A 148 -7.15 14.64 -5.00
C GLY A 148 -8.25 14.67 -6.03
N VAL A 149 -8.57 15.82 -6.58
CA VAL A 149 -9.66 15.91 -7.57
C VAL A 149 -9.23 15.34 -8.91
N THR A 150 -8.02 15.66 -9.37
CA THR A 150 -7.53 15.15 -10.65
C THR A 150 -6.15 14.55 -10.47
N PHE A 151 -5.91 13.47 -11.21
CA PHE A 151 -4.63 12.79 -11.24
C PHE A 151 -4.07 12.81 -12.67
N SER A 152 -2.76 13.03 -12.77
CA SER A 152 -2.06 13.04 -14.04
C SER A 152 -0.83 12.18 -13.95
N LYS A 153 -0.38 11.66 -15.08
N LYS A 153 -0.45 11.50 -15.03
CA LYS A 153 0.80 10.81 -15.12
CA LYS A 153 0.78 10.70 -15.00
C LYS A 153 2.03 11.64 -14.85
C LYS A 153 1.98 11.64 -14.80
N VAL A 154 2.95 11.10 -14.07
CA VAL A 154 4.28 11.70 -13.86
C VAL A 154 5.26 10.95 -14.76
N GLU A 155 6.03 11.67 -15.54
CA GLU A 155 7.09 11.05 -16.33
C GLU A 155 8.32 10.91 -15.47
N THR A 156 8.71 9.70 -15.17
CA THR A 156 9.78 9.40 -14.24
C THR A 156 10.92 8.65 -14.99
N ASN A 157 12.00 8.41 -14.23
CA ASN A 157 13.08 7.52 -14.64
C ASN A 157 12.99 6.17 -13.94
N ILE A 158 11.84 5.75 -13.41
CA ILE A 158 11.77 4.51 -12.67
C ILE A 158 12.07 3.32 -13.56
N HIS A 159 11.50 3.27 -14.76
CA HIS A 159 11.80 2.14 -15.64
C HIS A 159 13.31 2.10 -15.95
N ASP A 160 13.88 3.27 -16.23
CA ASP A 160 15.30 3.37 -16.56
C ASP A 160 16.18 2.85 -15.41
N ILE A 161 15.89 3.22 -14.15
CA ILE A 161 16.79 2.79 -13.07
C ILE A 161 16.68 1.29 -12.87
N VAL A 162 15.52 0.71 -13.11
CA VAL A 162 15.37 -0.75 -13.05
C VAL A 162 16.19 -1.39 -14.16
N THR A 163 16.09 -0.89 -15.40
CA THR A 163 16.85 -1.47 -16.51
C THR A 163 18.34 -1.36 -16.22
N LYS A 164 18.77 -0.22 -15.64
N LYS A 164 18.79 -0.18 -15.82
CA LYS A 164 20.22 0.12 -15.45
CA LYS A 164 20.23 0.02 -15.61
C LYS A 164 20.80 -0.80 -14.39
C LYS A 164 20.73 -0.92 -14.51
N ASN A 165 19.95 -1.21 -13.46
CA ASN A 165 20.37 -2.11 -12.41
C ASN A 165 20.74 -3.47 -13.02
N GLY A 166 19.89 -3.96 -13.91
CA GLY A 166 20.17 -5.17 -14.69
C GLY A 166 19.90 -6.48 -14.01
N THR A 167 19.46 -6.46 -12.76
CA THR A 167 19.22 -7.70 -11.98
C THR A 167 17.79 -7.76 -11.50
N ILE A 168 16.92 -6.94 -12.03
CA ILE A 168 15.51 -6.84 -11.59
C ILE A 168 14.60 -7.15 -12.78
N SER A 169 13.79 -8.18 -12.63
N SER A 169 13.78 -8.18 -12.62
CA SER A 169 12.79 -8.47 -13.64
CA SER A 169 12.75 -8.59 -13.60
C SER A 169 11.57 -7.58 -13.54
C SER A 169 11.51 -7.71 -13.51
N ALA A 170 11.20 -7.18 -12.32
CA ALA A 170 10.05 -6.30 -12.12
C ALA A 170 10.13 -5.72 -10.73
N MET A 171 9.49 -4.57 -10.54
CA MET A 171 9.45 -3.89 -9.25
C MET A 171 8.02 -3.36 -9.04
N LEU A 172 7.64 -3.28 -7.78
N LEU A 172 7.60 -3.32 -7.77
CA LEU A 172 6.28 -2.84 -7.39
CA LEU A 172 6.22 -3.00 -7.37
C LEU A 172 6.41 -2.08 -6.10
C LEU A 172 6.29 -2.22 -6.05
N GLY A 173 5.47 -1.18 -5.81
CA GLY A 173 5.44 -0.59 -4.47
C GLY A 173 5.15 -1.62 -3.41
N GLY A 174 5.45 -1.24 -2.16
CA GLY A 174 5.27 -2.13 -1.04
C GLY A 174 3.85 -2.35 -0.59
N VAL A 175 2.92 -1.54 -1.07
CA VAL A 175 1.45 -1.66 -0.94
C VAL A 175 0.97 -0.92 0.29
N GLY A 176 0.06 0.02 0.06
CA GLY A 176 -0.53 0.85 1.12
C GLY A 176 0.04 2.25 0.98
N SER A 177 0.91 2.66 1.87
CA SER A 177 1.47 4.01 1.86
C SER A 177 2.99 3.99 1.94
N GLY A 178 3.61 4.91 1.22
CA GLY A 178 4.98 5.33 1.41
C GLY A 178 5.05 6.52 2.35
N LEU A 179 6.14 7.25 2.31
CA LEU A 179 6.32 8.32 3.30
C LEU A 179 7.16 9.45 2.71
N GLN A 180 7.00 10.61 3.35
CA GLN A 180 7.93 11.73 3.20
C GLN A 180 8.73 11.81 4.47
N LEU A 181 10.05 11.81 4.36
CA LEU A 181 10.93 11.87 5.52
C LEU A 181 10.90 13.27 6.11
N ASN A 182 11.41 13.40 7.32
CA ASN A 182 11.42 14.67 8.03
C ASN A 182 12.06 15.76 7.23
N ASP A 183 13.19 15.44 6.53
N ASP A 183 13.06 15.47 6.45
N ASP A 183 13.15 15.53 6.52
CA ASP A 183 14.08 16.27 5.64
CA ASP A 183 13.71 16.61 5.81
CA ASP A 183 13.75 16.66 5.77
C ASP A 183 13.38 16.59 4.30
C ASP A 183 13.38 16.56 4.32
C ASP A 183 13.43 16.50 4.28
N GLY A 184 12.25 15.94 3.98
CA GLY A 184 11.57 16.16 2.71
C GLY A 184 11.70 15.03 1.70
N LYS A 185 12.63 14.09 1.88
CA LYS A 185 12.82 13.07 0.85
C LYS A 185 11.55 12.23 0.72
N LEU A 186 11.19 11.89 -0.51
CA LEU A 186 10.08 10.97 -0.80
C LEU A 186 10.63 9.55 -0.83
N VAL A 187 9.93 8.62 -0.18
CA VAL A 187 10.34 7.22 -0.13
C VAL A 187 9.16 6.34 -0.41
N PHE A 188 9.28 5.50 -1.47
CA PHE A 188 8.36 4.38 -1.65
C PHE A 188 9.06 3.10 -1.20
N PRO A 189 8.50 2.34 -0.26
CA PRO A 189 8.96 0.97 -0.09
C PRO A 189 8.70 0.23 -1.41
N VAL A 190 9.59 -0.72 -1.77
CA VAL A 190 9.39 -1.50 -2.98
C VAL A 190 9.63 -2.99 -2.68
N GLN A 191 9.09 -3.77 -3.62
CA GLN A 191 9.27 -5.19 -3.80
C GLN A 191 9.97 -5.40 -5.14
N MET A 192 10.87 -6.36 -5.21
CA MET A 192 11.53 -6.69 -6.48
C MET A 192 11.52 -8.18 -6.72
N VAL A 193 11.20 -8.56 -7.95
CA VAL A 193 11.43 -9.90 -8.48
C VAL A 193 12.78 -9.81 -9.20
N ARG A 194 13.75 -10.59 -8.75
CA ARG A 194 15.10 -10.56 -9.34
C ARG A 194 15.13 -11.45 -10.59
N THR A 195 16.09 -11.18 -11.46
CA THR A 195 16.30 -12.04 -12.62
C THR A 195 16.70 -13.45 -12.18
N LYS A 196 16.48 -14.40 -13.07
CA LYS A 196 16.54 -15.83 -12.75
C LYS A 196 17.88 -16.21 -12.13
N ASN A 197 18.97 -15.64 -12.61
CA ASN A 197 20.30 -15.99 -12.11
C ASN A 197 20.58 -15.51 -10.69
N ILE A 198 19.77 -14.64 -10.14
CA ILE A 198 19.99 -14.14 -8.77
C ILE A 198 19.38 -15.17 -7.81
N THR A 199 20.13 -15.63 -6.85
N THR A 199 20.22 -15.62 -6.87
CA THR A 199 19.68 -16.75 -5.99
CA THR A 199 19.91 -16.71 -5.89
C THR A 199 18.48 -16.37 -5.13
C THR A 199 18.87 -16.19 -4.91
N THR A 200 18.42 -15.10 -4.66
N THR A 200 18.69 -14.89 -4.78
CA THR A 200 17.22 -14.49 -3.99
CA THR A 200 17.50 -14.52 -4.02
C THR A 200 16.29 -14.33 -5.23
C THR A 200 16.33 -14.10 -4.96
N VAL A 201 15.16 -14.79 -5.00
CA VAL A 201 14.19 -14.52 -6.00
C VAL A 201 13.61 -13.17 -5.75
N LEU A 202 13.34 -12.82 -4.50
CA LEU A 202 12.61 -11.60 -4.11
C LEU A 202 13.48 -10.80 -3.19
N ASN A 203 13.35 -9.49 -3.26
CA ASN A 203 13.98 -8.59 -2.29
C ASN A 203 13.02 -7.45 -1.97
N THR A 204 13.33 -6.80 -0.84
N THR A 204 13.18 -6.82 -0.82
CA THR A 204 12.71 -5.54 -0.47
CA THR A 204 12.58 -5.49 -0.61
C THR A 204 13.75 -4.44 -0.52
C THR A 204 13.70 -4.47 -0.65
N SER A 205 13.29 -3.22 -0.82
CA SER A 205 14.18 -2.06 -0.85
C SER A 205 13.28 -0.82 -0.81
N PHE A 206 13.77 0.28 -1.37
CA PHE A 206 12.92 1.46 -1.54
C PHE A 206 13.49 2.23 -2.72
N ILE A 207 12.64 3.12 -3.25
CA ILE A 207 13.12 4.17 -4.16
C ILE A 207 12.90 5.52 -3.49
N TYR A 208 13.75 6.48 -3.83
CA TYR A 208 13.68 7.79 -3.19
C TYR A 208 13.83 8.89 -4.22
N SER A 209 13.33 10.07 -3.85
CA SER A 209 13.30 11.22 -4.76
C SER A 209 13.17 12.51 -3.98
N THR A 210 13.65 13.60 -4.54
CA THR A 210 13.39 14.92 -4.03
C THR A 210 12.16 15.56 -4.71
N ASP A 211 12.06 15.45 -6.02
CA ASP A 211 11.03 16.18 -6.78
C ASP A 211 9.86 15.32 -7.24
N GLY A 212 9.92 14.00 -6.99
CA GLY A 212 8.88 13.09 -7.48
C GLY A 212 9.03 12.65 -8.91
N ILE A 213 10.03 13.16 -9.60
CA ILE A 213 10.27 12.91 -11.04
C ILE A 213 11.46 11.99 -11.22
N THR A 214 12.60 12.39 -10.65
CA THR A 214 13.82 11.60 -10.71
C THR A 214 13.96 10.79 -9.44
N TRP A 215 13.98 9.48 -9.57
CA TRP A 215 14.06 8.54 -8.48
C TRP A 215 15.41 7.84 -8.51
N SER A 216 15.75 7.26 -7.36
CA SER A 216 16.97 6.51 -7.17
C SER A 216 16.72 5.24 -6.41
N LEU A 217 17.54 4.23 -6.68
CA LEU A 217 17.57 2.98 -5.94
C LEU A 217 18.84 2.96 -5.11
N PRO A 218 18.79 2.56 -3.85
CA PRO A 218 20.01 2.29 -3.08
C PRO A 218 20.76 1.09 -3.67
N SER A 219 22.00 0.91 -3.24
CA SER A 219 22.83 -0.18 -3.81
C SER A 219 22.60 -1.52 -3.14
N GLY A 220 22.03 -1.53 -1.94
CA GLY A 220 21.79 -2.75 -1.21
C GLY A 220 20.36 -3.23 -1.34
N TYR A 221 20.13 -4.40 -0.76
CA TYR A 221 18.81 -5.05 -0.76
C TYR A 221 18.56 -5.61 0.62
N CYS A 222 17.29 -5.64 1.01
CA CYS A 222 16.84 -6.38 2.16
C CYS A 222 16.27 -7.70 1.70
N GLU A 223 16.36 -8.74 2.54
CA GLU A 223 15.75 -10.03 2.23
C GLU A 223 14.25 -9.82 1.91
N GLY A 224 13.74 -10.65 1.00
CA GLY A 224 12.41 -10.42 0.47
C GLY A 224 11.27 -10.93 1.33
N PHE A 225 11.38 -12.14 1.89
CA PHE A 225 10.26 -12.76 2.59
C PHE A 225 9.03 -12.76 1.68
N GLY A 226 7.88 -12.27 2.17
CA GLY A 226 6.68 -12.12 1.34
C GLY A 226 6.52 -10.74 0.72
N SER A 227 7.62 -9.98 0.71
N SER A 227 7.58 -9.94 0.77
CA SER A 227 7.94 -8.75 -0.06
CA SER A 227 7.83 -8.88 -0.23
C SER A 227 7.07 -7.53 0.12
C SER A 227 7.08 -7.59 0.10
N GLU A 228 5.75 -7.65 0.24
CA GLU A 228 4.95 -6.45 0.53
C GLU A 228 5.49 -5.86 1.84
N ASN A 229 5.62 -4.55 1.92
CA ASN A 229 6.21 -3.94 3.10
C ASN A 229 5.95 -2.46 3.14
N ASN A 230 6.05 -1.91 4.35
CA ASN A 230 6.10 -0.47 4.55
C ASN A 230 7.34 -0.07 5.32
N ILE A 231 7.71 1.17 5.16
CA ILE A 231 8.85 1.81 5.85
C ILE A 231 8.36 2.92 6.75
N ILE A 232 9.01 3.02 7.91
CA ILE A 232 8.89 4.18 8.82
C ILE A 232 10.27 4.79 8.99
N GLU A 233 10.30 6.05 9.39
CA GLU A 233 11.52 6.76 9.76
C GLU A 233 11.63 6.78 11.28
N PHE A 234 12.78 6.42 11.80
CA PHE A 234 13.00 6.36 13.24
C PHE A 234 14.45 6.75 13.51
N ASN A 235 14.66 7.94 14.09
CA ASN A 235 16.02 8.52 14.20
C ASN A 235 16.62 8.59 12.84
N ALA A 236 17.90 8.17 12.62
CA ALA A 236 18.49 8.19 11.30
C ALA A 236 18.27 6.87 10.55
N SER A 237 17.39 6.00 11.07
CA SER A 237 17.12 4.71 10.40
C SER A 237 15.84 4.82 9.54
N LEU A 238 15.84 4.04 8.47
N LEU A 238 15.82 4.08 8.43
CA LEU A 238 14.60 3.60 7.84
CA LEU A 238 14.58 3.62 7.77
C LEU A 238 14.37 2.19 8.31
C LEU A 238 14.33 2.18 8.18
N VAL A 239 13.13 1.88 8.66
CA VAL A 239 12.77 0.58 9.24
C VAL A 239 11.62 0.02 8.42
N ASN A 240 11.74 -1.21 7.92
CA ASN A 240 10.65 -1.82 7.18
C ASN A 240 9.88 -2.81 8.06
N ASN A 241 8.72 -3.21 7.54
CA ASN A 241 7.81 -4.13 8.23
C ASN A 241 7.19 -4.94 7.11
N ILE A 242 7.59 -6.19 6.99
CA ILE A 242 7.48 -7.01 5.78
C ILE A 242 6.54 -8.18 6.03
N ARG A 243 5.68 -8.43 5.05
CA ARG A 243 4.86 -9.65 4.99
C ARG A 243 5.77 -10.89 5.01
N ASN A 244 5.31 -11.89 5.74
CA ASN A 244 5.98 -13.19 5.79
C ASN A 244 4.96 -14.21 6.21
N SER A 245 5.07 -15.43 5.71
CA SER A 245 4.22 -16.51 6.21
C SER A 245 4.62 -16.76 7.65
N GLY A 246 3.68 -16.67 8.54
CA GLY A 246 3.97 -16.72 9.97
C GLY A 246 4.27 -15.34 10.53
N LEU A 247 5.44 -15.20 11.12
CA LEU A 247 5.80 -13.99 11.85
C LEU A 247 6.33 -12.93 10.88
N ARG A 248 5.78 -11.72 10.99
CA ARG A 248 6.23 -10.61 10.18
C ARG A 248 7.69 -10.27 10.50
N ARG A 249 8.37 -9.69 9.53
CA ARG A 249 9.79 -9.37 9.68
C ARG A 249 10.01 -7.88 9.64
N SER A 250 11.02 -7.40 10.35
CA SER A 250 11.31 -5.97 10.38
C SER A 250 12.81 -5.78 10.43
N PHE A 251 13.35 -4.98 9.50
CA PHE A 251 14.75 -4.66 9.41
C PHE A 251 14.93 -3.16 9.39
N GLU A 252 16.11 -2.73 9.77
CA GLU A 252 16.51 -1.34 9.78
C GLU A 252 17.74 -1.13 8.90
N THR A 253 17.81 0.03 8.28
CA THR A 253 19.01 0.48 7.58
C THR A 253 19.45 1.80 8.17
N LYS A 254 20.74 1.86 8.51
CA LYS A 254 21.37 3.07 9.09
C LYS A 254 22.26 3.74 8.08
N ASP A 255 22.34 3.24 6.88
CA ASP A 255 23.19 3.73 5.81
C ASP A 255 22.40 3.97 4.51
N PHE A 256 21.10 4.20 4.69
CA PHE A 256 20.20 4.59 3.59
C PHE A 256 20.17 3.53 2.48
N GLY A 257 20.02 2.28 2.93
CA GLY A 257 19.72 1.18 2.03
C GLY A 257 20.88 0.40 1.47
N LYS A 258 22.06 0.62 2.05
N LYS A 258 22.07 0.59 2.02
CA LYS A 258 23.22 -0.22 1.70
CA LYS A 258 23.22 -0.27 1.62
C LYS A 258 23.17 -1.57 2.42
C LYS A 258 23.20 -1.59 2.41
N THR A 259 22.83 -1.56 3.70
CA THR A 259 22.75 -2.75 4.52
C THR A 259 21.53 -2.66 5.43
N TRP A 260 21.02 -3.81 5.80
CA TRP A 260 19.84 -3.97 6.64
C TRP A 260 20.12 -4.99 7.73
N THR A 261 19.62 -4.71 8.94
CA THR A 261 19.77 -5.62 10.09
C THR A 261 18.43 -5.71 10.82
N GLU A 262 18.20 -6.79 11.55
CA GLU A 262 16.90 -6.94 12.22
C GLU A 262 16.64 -5.78 13.16
N PHE A 263 15.39 -5.34 13.22
CA PHE A 263 14.95 -4.26 14.09
C PHE A 263 14.15 -4.88 15.22
N PRO A 264 14.75 -5.10 16.42
CA PRO A 264 14.09 -5.89 17.44
C PRO A 264 12.72 -5.39 17.87
N PRO A 265 12.42 -4.09 17.95
CA PRO A 265 11.10 -3.71 18.45
C PRO A 265 9.94 -4.20 17.58
N MET A 266 10.14 -4.47 16.29
CA MET A 266 9.08 -4.99 15.46
C MET A 266 9.35 -6.39 14.89
N ASP A 267 10.57 -6.89 14.87
CA ASP A 267 10.82 -8.14 14.17
C ASP A 267 10.11 -9.27 14.87
N LYS A 268 9.28 -10.01 14.12
N LYS A 268 9.34 -10.06 14.12
CA LYS A 268 8.67 -11.28 14.55
CA LYS A 268 8.67 -11.25 14.59
C LYS A 268 7.52 -11.03 15.54
C LYS A 268 7.62 -10.95 15.68
N LYS A 269 7.08 -9.77 15.72
N LYS A 269 7.09 -9.73 15.75
CA LYS A 269 6.16 -9.40 16.80
CA LYS A 269 6.15 -9.38 16.85
C LYS A 269 4.69 -9.69 16.52
C LYS A 269 4.73 -9.85 16.52
N VAL A 270 4.29 -9.76 15.27
CA VAL A 270 2.91 -10.04 14.85
C VAL A 270 2.92 -11.27 13.96
N ASP A 271 2.01 -12.19 14.24
CA ASP A 271 1.84 -13.44 13.49
C ASP A 271 0.65 -13.33 12.55
N ASN A 272 0.89 -13.50 11.26
CA ASN A 272 -0.20 -13.54 10.28
C ASN A 272 -0.49 -14.96 9.78
N ARG A 273 0.24 -15.94 10.30
CA ARG A 273 -0.02 -17.37 10.00
C ARG A 273 0.13 -17.64 8.52
N ASN A 274 -0.53 -18.70 8.02
CA ASN A 274 -0.17 -19.25 6.71
C ASN A 274 -0.35 -18.19 5.64
N HIS A 275 0.69 -18.22 4.83
N HIS A 275 0.49 -18.17 4.55
CA HIS A 275 0.79 -17.46 3.59
CA HIS A 275 0.58 -17.24 3.36
C HIS A 275 1.16 -15.99 3.79
C HIS A 275 1.11 -15.86 3.73
N GLY A 276 0.95 -15.46 4.99
CA GLY A 276 1.15 -14.05 5.28
C GLY A 276 0.09 -13.19 4.63
N VAL A 277 0.18 -11.90 4.93
CA VAL A 277 -0.72 -10.90 4.38
C VAL A 277 0.01 -9.57 4.37
N GLN A 278 -0.36 -8.69 3.44
CA GLN A 278 0.07 -7.30 3.51
C GLN A 278 -0.37 -6.70 4.84
N GLY A 279 0.48 -5.78 5.33
CA GLY A 279 0.15 -4.99 6.49
C GLY A 279 0.62 -3.57 6.32
N SER A 280 -0.05 -2.67 7.06
CA SER A 280 0.23 -1.23 7.02
C SER A 280 0.96 -0.83 8.30
N THR A 281 2.05 -0.10 8.18
CA THR A 281 2.83 0.30 9.36
C THR A 281 3.20 1.77 9.19
N ILE A 282 2.84 2.58 10.19
CA ILE A 282 3.06 4.02 10.21
C ILE A 282 3.54 4.43 11.60
N THR A 283 4.07 5.65 11.71
CA THR A 283 4.35 6.21 13.02
C THR A 283 3.33 7.27 13.40
N ILE A 284 3.20 7.40 14.71
CA ILE A 284 2.33 8.39 15.37
C ILE A 284 3.20 9.07 16.43
N PRO A 285 3.34 10.41 16.41
N PRO A 285 3.19 10.38 16.51
CA PRO A 285 4.07 11.10 17.48
CA PRO A 285 3.98 11.06 17.51
C PRO A 285 3.34 11.04 18.81
C PRO A 285 3.32 10.90 18.88
N SER A 286 4.15 11.00 19.89
CA SER A 286 3.68 11.12 21.26
C SER A 286 4.69 12.00 21.97
N GLY A 287 4.40 13.29 22.16
CA GLY A 287 5.50 14.21 22.49
C GLY A 287 6.60 14.16 21.46
N ASN A 288 7.86 14.06 21.94
CA ASN A 288 9.00 13.93 21.00
C ASN A 288 9.40 12.48 20.89
N LYS A 289 8.48 11.57 21.22
CA LYS A 289 8.62 10.15 20.98
C LYS A 289 7.75 9.72 19.80
N LEU A 290 7.93 8.47 19.37
CA LEU A 290 7.16 7.89 18.27
C LEU A 290 6.63 6.55 18.73
N VAL A 291 5.47 6.19 18.20
N VAL A 291 5.47 6.19 18.25
CA VAL A 291 4.85 4.88 18.36
CA VAL A 291 4.97 4.82 18.39
C VAL A 291 4.54 4.33 16.97
C VAL A 291 4.72 4.36 16.97
N ALA A 292 4.74 3.05 16.72
CA ALA A 292 4.30 2.51 15.43
C ALA A 292 2.91 1.92 15.59
N ALA A 293 2.03 2.29 14.67
CA ALA A 293 0.71 1.70 14.51
C ALA A 293 0.78 0.76 13.31
N HIS A 294 0.18 -0.42 13.48
CA HIS A 294 0.30 -1.47 12.48
C HIS A 294 -1.04 -2.19 12.31
N SER A 295 -1.41 -2.47 11.07
CA SER A 295 -2.61 -3.26 10.82
C SER A 295 -2.28 -4.46 9.91
N SER A 296 -2.78 -5.61 10.33
CA SER A 296 -2.74 -6.85 9.53
C SER A 296 -3.65 -7.88 10.19
N ALA A 297 -3.79 -9.05 9.57
CA ALA A 297 -4.82 -10.02 9.94
C ALA A 297 -4.30 -11.06 10.95
N GLN A 298 -5.15 -11.38 11.92
CA GLN A 298 -4.84 -12.51 12.83
C GLN A 298 -4.89 -13.84 12.13
N ASN A 299 -5.77 -13.97 11.14
CA ASN A 299 -5.85 -15.20 10.35
C ASN A 299 -6.14 -16.45 11.21
N LYS A 300 -7.29 -16.41 11.89
CA LYS A 300 -7.64 -17.47 12.82
C LYS A 300 -7.85 -18.81 12.13
N ASN A 301 -8.20 -18.83 10.86
CA ASN A 301 -8.37 -20.09 10.12
C ASN A 301 -7.10 -20.55 9.43
N ASN A 302 -6.01 -19.82 9.57
CA ASN A 302 -4.69 -20.26 9.10
C ASN A 302 -4.74 -20.53 7.59
N ASP A 303 -5.28 -19.58 6.83
CA ASP A 303 -5.52 -19.82 5.41
C ASP A 303 -5.71 -18.48 4.72
N TYR A 304 -6.28 -18.54 3.53
N TYR A 304 -6.13 -18.48 3.44
CA TYR A 304 -6.44 -17.32 2.74
CA TYR A 304 -6.39 -17.23 2.66
C TYR A 304 -7.63 -16.48 3.16
C TYR A 304 -7.61 -16.46 3.17
N THR A 305 -8.40 -16.93 4.13
CA THR A 305 -9.52 -16.09 4.63
C THR A 305 -9.06 -14.93 5.51
N ARG A 306 -7.85 -14.99 6.08
CA ARG A 306 -7.24 -13.79 6.68
C ARG A 306 -8.22 -13.06 7.60
N SER A 307 -8.75 -13.79 8.59
CA SER A 307 -9.74 -13.22 9.48
C SER A 307 -9.11 -12.14 10.37
N ASP A 308 -10.01 -11.29 10.92
CA ASP A 308 -9.66 -10.48 12.08
C ASP A 308 -8.56 -9.48 11.77
N ILE A 309 -8.88 -8.55 10.85
CA ILE A 309 -7.92 -7.49 10.52
C ILE A 309 -7.86 -6.53 11.71
N SER A 310 -6.65 -6.38 12.26
CA SER A 310 -6.45 -5.80 13.58
C SER A 310 -5.38 -4.71 13.55
N LEU A 311 -5.59 -3.75 14.46
CA LEU A 311 -4.66 -2.65 14.74
C LEU A 311 -3.88 -2.98 16.00
N TYR A 312 -2.56 -2.87 15.87
CA TYR A 312 -1.59 -3.08 16.94
C TYR A 312 -0.79 -1.80 17.16
N ALA A 313 -0.27 -1.68 18.39
CA ALA A 313 0.76 -0.68 18.68
C ALA A 313 2.07 -1.41 18.98
N HIS A 314 3.15 -0.89 18.43
CA HIS A 314 4.51 -1.35 18.72
C HIS A 314 5.21 -0.24 19.49
N ASN A 315 5.68 -0.60 20.69
CA ASN A 315 6.56 0.29 21.47
C ASN A 315 7.95 0.20 20.88
N LEU A 316 8.39 1.28 20.26
CA LEU A 316 9.65 1.30 19.50
C LEU A 316 10.89 1.38 20.39
N TYR A 317 10.66 1.53 21.68
CA TYR A 317 11.74 1.64 22.69
C TYR A 317 11.94 0.33 23.44
N SER A 318 10.84 -0.24 23.94
CA SER A 318 10.83 -1.50 24.71
C SER A 318 10.55 -2.74 23.91
N GLY A 319 9.95 -2.60 22.73
CA GLY A 319 9.56 -3.75 21.94
C GLY A 319 8.26 -4.41 22.33
N GLU A 320 7.55 -3.88 23.32
CA GLU A 320 6.22 -4.46 23.62
C GLU A 320 5.29 -4.27 22.41
N VAL A 321 4.35 -5.18 22.29
CA VAL A 321 3.29 -5.09 21.27
C VAL A 321 1.96 -5.37 21.93
N LYS A 322 0.91 -4.67 21.51
CA LYS A 322 -0.43 -5.01 21.99
C LYS A 322 -1.46 -4.74 20.90
N LEU A 323 -2.55 -5.48 21.01
N LEU A 323 -2.48 -5.59 20.88
CA LEU A 323 -3.76 -5.31 20.19
CA LEU A 323 -3.66 -5.32 20.05
C LEU A 323 -4.59 -4.14 20.65
C LEU A 323 -4.40 -4.12 20.64
N ILE A 324 -4.79 -3.21 19.76
CA ILE A 324 -5.59 -2.00 20.04
C ILE A 324 -7.04 -2.22 19.66
N ASP A 325 -7.33 -2.76 18.48
N ASP A 325 -7.26 -2.89 18.56
CA ASP A 325 -8.71 -2.95 18.02
CA ASP A 325 -8.62 -3.06 18.04
C ASP A 325 -8.70 -3.97 16.88
C ASP A 325 -8.55 -4.12 16.98
N ASP A 326 -9.46 -5.05 17.04
CA ASP A 326 -9.77 -5.98 15.94
C ASP A 326 -10.90 -5.33 15.16
N PHE A 327 -10.55 -4.46 14.22
CA PHE A 327 -11.54 -3.59 13.61
C PHE A 327 -12.36 -4.30 12.55
N TYR A 328 -11.87 -5.42 12.00
CA TYR A 328 -12.67 -6.23 11.08
C TYR A 328 -12.64 -7.66 11.60
N PRO A 329 -13.46 -7.99 12.60
CA PRO A 329 -13.34 -9.27 13.32
C PRO A 329 -14.11 -10.36 12.61
N LYS A 330 -13.92 -10.46 11.29
N LYS A 330 -13.79 -10.59 11.35
CA LYS A 330 -14.64 -11.37 10.43
CA LYS A 330 -14.67 -11.33 10.43
C LYS A 330 -13.67 -12.22 9.61
C LYS A 330 -13.77 -12.14 9.53
N VAL A 331 -14.18 -13.37 9.22
CA VAL A 331 -13.52 -14.25 8.25
C VAL A 331 -13.65 -13.61 6.88
N GLY A 332 -12.55 -13.40 6.19
CA GLY A 332 -12.56 -12.80 4.88
C GLY A 332 -12.92 -13.77 3.78
N ASN A 333 -13.07 -13.23 2.58
CA ASN A 333 -13.33 -14.01 1.36
C ASN A 333 -11.98 -14.47 0.80
N ALA A 334 -11.75 -15.78 0.75
CA ALA A 334 -10.44 -16.29 0.32
C ALA A 334 -10.12 -16.01 -1.15
N SER A 335 -11.09 -15.54 -1.92
N SER A 335 -11.04 -15.52 -1.97
CA SER A 335 -10.79 -15.01 -3.23
CA SER A 335 -10.65 -15.06 -3.31
C SER A 335 -9.80 -13.85 -3.16
C SER A 335 -9.87 -13.73 -3.21
N GLY A 336 -9.79 -13.12 -2.04
CA GLY A 336 -8.87 -12.01 -1.83
C GLY A 336 -9.35 -11.20 -0.67
N ALA A 337 -8.59 -11.24 0.43
CA ALA A 337 -8.98 -10.70 1.72
C ALA A 337 -7.78 -10.16 2.46
N GLY A 338 -8.07 -9.41 3.53
CA GLY A 338 -7.10 -9.16 4.58
C GLY A 338 -6.32 -7.86 4.51
N TYR A 339 -6.25 -7.20 3.37
CA TYR A 339 -5.35 -6.05 3.20
C TYR A 339 -5.93 -4.79 3.86
N SER A 340 -5.04 -3.87 4.19
CA SER A 340 -5.44 -2.66 4.92
C SER A 340 -4.48 -1.53 4.64
N CYS A 341 -4.87 -0.32 5.07
CA CYS A 341 -3.99 0.85 5.02
C CYS A 341 -4.44 1.84 6.09
N LEU A 342 -3.47 2.27 6.91
CA LEU A 342 -3.68 3.28 7.94
C LEU A 342 -3.29 4.66 7.41
N SER A 343 -3.84 5.70 8.04
CA SER A 343 -3.48 7.09 7.73
C SER A 343 -3.63 7.96 8.97
N TYR A 344 -2.54 8.57 9.40
CA TYR A 344 -2.55 9.47 10.56
C TYR A 344 -2.13 10.86 10.13
N ARG A 345 -2.86 11.85 10.67
N ARG A 345 -2.69 11.91 10.70
CA ARG A 345 -2.53 13.26 10.52
CA ARG A 345 -2.01 13.21 10.67
C ARG A 345 -2.84 14.05 11.78
C ARG A 345 -2.61 14.09 11.75
N LYS A 346 -2.04 15.12 12.02
N LYS A 346 -1.89 15.20 12.02
CA LYS A 346 -2.50 16.18 12.92
CA LYS A 346 -2.28 16.29 12.95
C LYS A 346 -2.61 17.46 12.07
C LYS A 346 -2.55 17.55 12.11
N ASN A 347 -3.83 17.89 11.84
CA ASN A 347 -4.15 19.10 11.08
C ASN A 347 -4.68 20.13 12.09
N VAL A 348 -3.98 21.24 12.23
CA VAL A 348 -4.29 22.20 13.32
C VAL A 348 -4.07 21.43 14.60
N ASP A 349 -5.07 21.40 15.48
CA ASP A 349 -5.00 20.66 16.71
C ASP A 349 -5.81 19.33 16.62
N LYS A 350 -6.21 18.90 15.45
N LYS A 350 -6.22 18.89 15.39
CA LYS A 350 -7.05 17.71 15.32
CA LYS A 350 -7.16 17.75 15.07
C LYS A 350 -6.27 16.52 14.77
C LYS A 350 -6.39 16.46 14.66
N GLU A 351 -6.15 15.52 15.60
CA GLU A 351 -5.45 14.30 15.22
C GLU A 351 -6.47 13.31 14.68
N THR A 352 -6.18 12.69 13.56
CA THR A 352 -7.02 11.65 12.98
C THR A 352 -6.18 10.40 12.72
N LEU A 353 -6.80 9.25 12.99
CA LEU A 353 -6.28 7.95 12.60
C LEU A 353 -7.40 7.22 11.88
N TYR A 354 -7.19 6.95 10.62
CA TYR A 354 -8.16 6.25 9.78
C TYR A 354 -7.59 4.92 9.31
N VAL A 355 -8.49 4.01 8.96
CA VAL A 355 -8.09 2.76 8.29
C VAL A 355 -9.06 2.47 7.17
N VAL A 356 -8.53 1.85 6.12
CA VAL A 356 -9.34 1.20 5.10
C VAL A 356 -8.89 -0.26 5.00
N TYR A 357 -9.81 -1.12 4.56
CA TYR A 357 -9.53 -2.54 4.55
C TYR A 357 -10.48 -3.29 3.64
N GLU A 358 -10.07 -4.49 3.30
CA GLU A 358 -10.84 -5.42 2.47
C GLU A 358 -11.93 -6.10 3.28
N ALA A 359 -13.15 -6.12 2.73
CA ALA A 359 -14.32 -6.69 3.41
C ALA A 359 -15.21 -7.35 2.37
N ASN A 360 -15.03 -8.66 2.15
CA ASN A 360 -15.84 -9.41 1.21
C ASN A 360 -15.96 -8.77 -0.16
N GLY A 361 -14.84 -8.35 -0.73
CA GLY A 361 -14.83 -7.72 -2.05
C GLY A 361 -15.11 -6.22 -2.06
N SER A 362 -15.57 -5.67 -0.94
CA SER A 362 -15.73 -4.24 -0.79
C SER A 362 -14.52 -3.65 -0.09
N ILE A 363 -14.41 -2.32 -0.11
CA ILE A 363 -13.44 -1.60 0.72
C ILE A 363 -14.24 -0.80 1.74
N GLU A 364 -13.95 -0.99 3.03
CA GLU A 364 -14.56 -0.21 4.10
C GLU A 364 -13.53 0.73 4.71
N PHE A 365 -14.06 1.75 5.37
CA PHE A 365 -13.34 2.79 6.10
C PHE A 365 -13.81 2.80 7.53
N GLN A 366 -12.89 2.97 8.48
CA GLN A 366 -13.24 3.32 9.85
C GLN A 366 -12.38 4.46 10.35
N ASP A 367 -13.00 5.30 11.14
CA ASP A 367 -12.30 6.34 11.91
C ASP A 367 -11.92 5.72 13.24
N LEU A 368 -10.63 5.47 13.41
CA LEU A 368 -10.03 4.88 14.62
C LEU A 368 -9.41 5.91 15.55
N SER A 369 -9.79 7.17 15.40
CA SER A 369 -9.18 8.25 16.18
C SER A 369 -9.36 8.07 17.69
N ARG A 370 -10.45 7.42 18.11
N ARG A 370 -10.45 7.45 18.10
CA ARG A 370 -10.69 7.23 19.55
CA ARG A 370 -10.68 7.31 19.55
C ARG A 370 -9.55 6.42 20.20
C ARG A 370 -9.62 6.40 20.19
N HIS A 371 -8.84 5.64 19.40
CA HIS A 371 -7.77 4.81 19.94
C HIS A 371 -6.44 5.58 20.13
N LEU A 372 -6.35 6.81 19.65
CA LEU A 372 -5.09 7.53 19.72
C LEU A 372 -4.53 7.62 21.11
N PRO A 373 -5.32 7.92 22.17
CA PRO A 373 -4.68 8.02 23.49
C PRO A 373 -3.99 6.71 23.90
N VAL A 374 -4.62 5.58 23.60
N VAL A 374 -4.55 5.54 23.57
CA VAL A 374 -4.02 4.29 23.91
CA VAL A 374 -3.95 4.24 23.98
C VAL A 374 -2.73 4.08 23.13
C VAL A 374 -2.77 3.89 23.08
N ILE A 375 -2.79 4.31 21.82
CA ILE A 375 -1.58 4.12 21.00
C ILE A 375 -0.45 5.03 21.49
N LYS A 376 -0.76 6.33 21.68
CA LYS A 376 0.27 7.31 22.00
C LYS A 376 0.93 7.02 23.35
N SER A 377 0.23 6.34 24.23
CA SER A 377 0.78 5.98 25.53
C SER A 377 1.80 4.85 25.46
N TYR A 378 1.87 4.30 24.29
N TYR A 378 2.02 4.01 24.36
CA TYR A 378 2.61 3.04 24.24
CA TYR A 378 3.07 2.90 24.19
C TYR A 378 4.06 3.28 23.84
C TYR A 378 4.43 3.46 23.79
N ASN A 379 4.78 3.94 24.75
N ASN A 379 5.01 4.25 24.70
CA ASN A 379 6.17 4.36 24.61
CA ASN A 379 6.19 5.08 24.41
C ASN A 379 6.91 4.22 25.95
C ASN A 379 7.27 4.84 25.48
#